data_3ET3
#
_entry.id   3ET3
#
_cell.length_a   52.853
_cell.length_b   86.671
_cell.length_c   122.135
_cell.angle_alpha   90.00
_cell.angle_beta   90.00
_cell.angle_gamma   90.00
#
_symmetry.space_group_name_H-M   'C 2 2 21'
#
loop_
_entity.id
_entity.type
_entity.pdbx_description
1 polymer 'Peroxisome proliferator-activated receptor gamma'
2 polymer 'Steroid receptor coactivator 1'
3 non-polymer '3-{5-methoxy-1-[(4-methoxyphenyl)sulfonyl]-1H-indol-3-yl}propanoic acid'
4 water water
#
loop_
_entity_poly.entity_id
_entity_poly.type
_entity_poly.pdbx_seq_one_letter_code
_entity_poly.pdbx_strand_id
1 'polypeptide(L)'
;MGSSHHHHHHSSGLVPRGSHMESADLRALAKHLYDSYIKSFPLTKAKARAILTGKTTDKSPFVIYDMNSLMMGEDKIKFK
HITPLQEQSKEVAIRIFQGCQFRSVEAVQEITEYAKSIPGFVNLDLNDQVTLLKYGVHEIIYTMLASLMNKDGVLISEGQ
GFMTREFLKSLRKPFGDFMEPKFEFAVKFNALELDDSDLAIFIAVIILSGDRPGLLNVKPIEDIQDNLLQALELQLKLNH
PESSQLFAKLLQKMTDLRQIVTEHVQLLQVIKKTETDMSLHPLLQEIYKDLY
;
A
2 'polypeptide(L)' HSSLTERHKILHRLLQ P
#
loop_
_chem_comp.id
_chem_comp.type
_chem_comp.name
_chem_comp.formula
ET1 non-polymer '3-{5-methoxy-1-[(4-methoxyphenyl)sulfonyl]-1H-indol-3-yl}propanoic acid' 'C19 H19 N O6 S'
#
# COMPACT_ATOMS: atom_id res chain seq x y z
N MET A 21 14.32 -15.15 19.17
CA MET A 21 14.33 -15.90 17.92
C MET A 21 15.74 -16.04 17.35
N GLU A 22 16.08 -17.26 16.96
CA GLU A 22 17.35 -17.51 16.29
C GLU A 22 17.15 -17.60 14.77
N SER A 23 18.25 -17.54 14.04
CA SER A 23 18.20 -17.43 12.58
C SER A 23 17.21 -18.37 11.89
N ALA A 24 17.30 -19.67 12.16
CA ALA A 24 16.42 -20.64 11.53
C ALA A 24 14.94 -20.23 11.66
N ASP A 25 14.56 -19.79 12.85
CA ASP A 25 13.18 -19.33 13.08
C ASP A 25 12.88 -18.06 12.29
N LEU A 26 13.84 -17.15 12.23
CA LEU A 26 13.67 -15.92 11.47
C LEU A 26 13.49 -16.20 9.98
N ARG A 27 14.21 -17.20 9.48
CA ARG A 27 14.11 -17.58 8.07
C ARG A 27 12.77 -18.24 7.77
N ALA A 28 12.28 -19.04 8.71
CA ALA A 28 10.97 -19.67 8.58
C ALA A 28 9.88 -18.60 8.56
N LEU A 29 10.02 -17.59 9.41
CA LEU A 29 9.06 -16.50 9.46
C LEU A 29 9.04 -15.72 8.15
N ALA A 30 10.23 -15.42 7.62
CA ALA A 30 10.33 -14.75 6.32
C ALA A 30 9.65 -15.54 5.18
N LYS A 31 9.86 -16.85 5.15
CA LYS A 31 9.21 -17.66 4.12
C LYS A 31 7.70 -17.74 4.34
N HIS A 32 7.28 -17.90 5.59
CA HIS A 32 5.85 -17.90 5.91
C HIS A 32 5.20 -16.65 5.34
N LEU A 33 5.80 -15.50 5.61
CA LEU A 33 5.24 -14.23 5.17
C LEU A 33 5.22 -14.12 3.65
N TYR A 34 6.31 -14.56 3.02
CA TYR A 34 6.41 -14.52 1.56
C TYR A 34 5.30 -15.31 0.89
N ASP A 35 5.05 -16.51 1.40
CA ASP A 35 4.02 -17.38 0.84
C ASP A 35 2.63 -16.77 0.98
N SER A 36 2.34 -16.18 2.15
CA SER A 36 1.04 -15.55 2.34
C SER A 36 0.92 -14.27 1.51
N TYR A 37 2.05 -13.58 1.35
CA TYR A 37 2.12 -12.40 0.51
C TYR A 37 1.72 -12.79 -0.91
N ILE A 38 2.29 -13.89 -1.41
CA ILE A 38 1.98 -14.37 -2.75
C ILE A 38 0.51 -14.77 -2.90
N LYS A 39 -0.08 -15.32 -1.86
CA LYS A 39 -1.48 -15.70 -1.90
C LYS A 39 -2.44 -14.52 -1.74
N SER A 40 -1.97 -13.44 -1.13
CA SER A 40 -2.81 -12.27 -0.86
C SER A 40 -2.80 -11.19 -1.95
N PHE A 41 -1.66 -11.01 -2.61
CA PHE A 41 -1.51 -9.95 -3.60
C PHE A 41 -1.31 -10.51 -5.01
N PRO A 42 -2.33 -10.40 -5.86
CA PRO A 42 -2.31 -10.95 -7.22
C PRO A 42 -1.15 -10.41 -8.06
N LEU A 43 -0.90 -9.11 -8.01
CA LEU A 43 0.17 -8.52 -8.78
C LEU A 43 1.40 -8.23 -7.92
N THR A 44 2.44 -9.04 -8.11
CA THR A 44 3.68 -8.91 -7.36
C THR A 44 4.62 -7.90 -8.02
N LYS A 45 5.68 -7.51 -7.31
CA LYS A 45 6.68 -6.63 -7.90
C LYS A 45 7.37 -7.35 -9.06
N ALA A 46 7.63 -8.64 -8.90
CA ALA A 46 8.28 -9.43 -9.95
C ALA A 46 7.54 -9.29 -11.27
N LYS A 47 6.24 -9.57 -11.26
CA LYS A 47 5.41 -9.47 -12.46
C LYS A 47 5.41 -8.05 -12.97
N ALA A 48 5.14 -7.11 -12.06
CA ALA A 48 5.07 -5.70 -12.40
C ALA A 48 6.32 -5.20 -13.13
N ARG A 49 7.51 -5.54 -12.63
CA ARG A 49 8.73 -5.00 -13.21
C ARG A 49 9.00 -5.67 -14.56
N ALA A 50 8.55 -6.91 -14.70
CA ALA A 50 8.67 -7.63 -15.95
C ALA A 50 7.87 -6.92 -17.05
N ILE A 51 6.67 -6.50 -16.67
CA ILE A 51 5.78 -5.75 -17.56
C ILE A 51 6.37 -4.38 -17.89
N LEU A 52 6.80 -3.66 -16.86
CA LEU A 52 7.45 -2.36 -16.99
C LEU A 52 8.72 -2.41 -17.86
N THR A 53 9.40 -3.55 -17.83
CA THR A 53 10.67 -3.70 -18.54
C THR A 53 10.44 -4.22 -19.96
N GLY A 54 9.23 -4.72 -20.21
CA GLY A 54 8.90 -5.32 -21.48
C GLY A 54 9.46 -6.73 -21.58
N LYS A 55 9.91 -7.25 -20.45
CA LYS A 55 10.52 -8.58 -20.42
C LYS A 55 9.50 -9.68 -20.11
N THR A 56 8.30 -9.53 -20.69
CA THR A 56 7.25 -10.53 -20.57
C THR A 56 6.76 -10.93 -21.95
N THR A 57 6.24 -12.15 -22.06
CA THR A 57 5.58 -12.60 -23.30
C THR A 57 4.19 -11.96 -23.41
N ASP A 58 3.74 -11.36 -22.32
CA ASP A 58 2.44 -10.68 -22.28
C ASP A 58 2.44 -9.48 -23.23
N LYS A 59 1.25 -9.11 -23.71
CA LYS A 59 1.13 -7.93 -24.57
C LYS A 59 1.29 -6.65 -23.74
N SER A 60 2.02 -5.68 -24.28
CA SER A 60 2.29 -4.43 -23.58
C SER A 60 1.00 -3.76 -23.10
N PRO A 61 1.06 -3.13 -21.92
CA PRO A 61 -0.13 -2.47 -21.36
C PRO A 61 -0.68 -1.42 -22.32
N PHE A 62 -1.99 -1.18 -22.23
CA PHE A 62 -2.58 -0.07 -22.95
C PHE A 62 -2.15 1.22 -22.24
N VAL A 63 -1.68 2.20 -23.01
CA VAL A 63 -1.18 3.44 -22.44
C VAL A 63 -2.27 4.50 -22.37
N ILE A 64 -2.57 4.98 -21.18
CA ILE A 64 -3.46 6.13 -21.01
C ILE A 64 -2.61 7.39 -20.81
N TYR A 65 -2.68 8.31 -21.77
CA TYR A 65 -1.89 9.53 -21.72
C TYR A 65 -2.76 10.78 -21.86
N ASP A 66 -4.06 10.58 -22.06
CA ASP A 66 -5.01 11.69 -22.20
C ASP A 66 -6.46 11.20 -22.16
N MET A 67 -7.39 12.14 -22.24
CA MET A 67 -8.81 11.82 -22.13
C MET A 67 -9.27 10.80 -23.16
N ASN A 68 -8.86 11.01 -24.40
CA ASN A 68 -9.20 10.11 -25.50
C ASN A 68 -8.69 8.69 -25.27
N SER A 69 -7.42 8.56 -24.91
CA SER A 69 -6.82 7.26 -24.68
C SER A 69 -7.44 6.55 -23.48
N LEU A 70 -7.92 7.33 -22.52
CA LEU A 70 -8.60 6.78 -21.35
C LEU A 70 -9.93 6.14 -21.76
N MET A 71 -10.80 6.94 -22.35
CA MET A 71 -12.11 6.46 -22.81
C MET A 71 -11.92 5.26 -23.72
N MET A 72 -10.92 5.36 -24.58
CA MET A 72 -10.65 4.36 -25.60
C MET A 72 -10.17 3.05 -24.99
N GLY A 73 -9.37 3.14 -23.93
CA GLY A 73 -8.77 1.97 -23.33
C GLY A 73 -9.62 1.31 -22.26
N GLU A 74 -10.77 1.90 -21.98
CA GLU A 74 -11.66 1.39 -20.93
C GLU A 74 -12.27 0.04 -21.29
N ASP A 75 -11.62 -0.68 -22.19
CA ASP A 75 -12.10 -2.00 -22.62
C ASP A 75 -11.22 -3.14 -22.09
N LYS A 76 -10.07 -2.79 -21.55
CA LYS A 76 -9.21 -3.77 -20.88
C LYS A 76 -8.87 -3.32 -19.47
N ILE A 77 -9.06 -2.03 -19.20
CA ILE A 77 -8.78 -1.47 -17.88
C ILE A 77 -10.05 -1.29 -17.06
N LYS A 90 -18.83 11.49 -16.19
CA LYS A 90 -18.42 12.82 -15.73
C LYS A 90 -17.16 13.28 -16.46
N GLU A 91 -16.33 14.07 -15.77
CA GLU A 91 -15.11 14.60 -16.37
C GLU A 91 -13.93 13.68 -16.08
N VAL A 92 -12.90 13.78 -16.91
CA VAL A 92 -11.73 12.90 -16.81
C VAL A 92 -11.15 12.82 -15.39
N ALA A 93 -10.83 13.98 -14.80
CA ALA A 93 -10.21 14.01 -13.47
C ALA A 93 -11.00 13.14 -12.49
N ILE A 94 -12.31 13.23 -12.56
CA ILE A 94 -13.18 12.54 -11.62
C ILE A 94 -13.29 11.04 -11.94
N ARG A 95 -13.18 10.69 -13.21
CA ARG A 95 -13.18 9.28 -13.60
C ARG A 95 -11.93 8.60 -13.07
N ILE A 96 -10.81 9.31 -13.16
CA ILE A 96 -9.54 8.77 -12.67
C ILE A 96 -9.58 8.62 -11.14
N PHE A 97 -10.10 9.64 -10.47
CA PHE A 97 -10.26 9.60 -9.02
C PHE A 97 -11.08 8.38 -8.58
N GLN A 98 -12.14 8.08 -9.32
CA GLN A 98 -13.02 6.95 -9.00
C GLN A 98 -12.38 5.60 -9.30
N GLY A 99 -11.59 5.53 -10.37
CA GLY A 99 -10.81 4.34 -10.65
C GLY A 99 -9.82 4.02 -9.55
N CYS A 100 -9.12 5.04 -9.08
CA CYS A 100 -8.16 4.89 -7.97
C CYS A 100 -8.84 4.43 -6.70
N GLN A 101 -10.02 4.98 -6.43
CA GLN A 101 -10.77 4.63 -5.23
C GLN A 101 -11.27 3.19 -5.28
N PHE A 102 -11.72 2.76 -6.46
CA PHE A 102 -12.10 1.37 -6.68
C PHE A 102 -10.92 0.44 -6.38
N ARG A 103 -9.74 0.83 -6.85
CA ARG A 103 -8.54 0.04 -6.62
C ARG A 103 -8.12 0.03 -5.14
N SER A 104 -8.14 1.20 -4.50
CA SER A 104 -7.81 1.29 -3.09
C SER A 104 -8.68 0.33 -2.27
N VAL A 105 -9.97 0.32 -2.57
CA VAL A 105 -10.90 -0.54 -1.84
C VAL A 105 -10.49 -2.00 -1.96
N GLU A 106 -10.14 -2.42 -3.18
CA GLU A 106 -9.67 -3.79 -3.39
C GLU A 106 -8.34 -4.05 -2.68
N ALA A 107 -7.48 -3.03 -2.60
CA ALA A 107 -6.16 -3.19 -1.98
C ALA A 107 -6.30 -3.37 -0.48
N VAL A 108 -7.22 -2.62 0.13
CA VAL A 108 -7.51 -2.77 1.56
C VAL A 108 -7.95 -4.19 1.86
N GLN A 109 -8.77 -4.77 1.01
CA GLN A 109 -9.21 -6.14 1.25
C GLN A 109 -8.03 -7.10 1.18
N GLU A 110 -7.14 -6.90 0.20
CA GLU A 110 -5.97 -7.76 0.05
C GLU A 110 -5.02 -7.62 1.25
N ILE A 111 -4.82 -6.38 1.70
CA ILE A 111 -3.92 -6.11 2.83
C ILE A 111 -4.49 -6.73 4.12
N THR A 112 -5.81 -6.73 4.25
CA THR A 112 -6.45 -7.30 5.42
C THR A 112 -6.24 -8.82 5.46
N GLU A 113 -6.36 -9.45 4.31
CA GLU A 113 -6.10 -10.88 4.23
C GLU A 113 -4.64 -11.16 4.59
N TYR A 114 -3.73 -10.34 4.09
CA TYR A 114 -2.31 -10.53 4.43
C TYR A 114 -2.07 -10.37 5.93
N ALA A 115 -2.61 -9.29 6.51
CA ALA A 115 -2.44 -9.06 7.94
C ALA A 115 -2.82 -10.29 8.77
N LYS A 116 -3.94 -10.91 8.40
CA LYS A 116 -4.47 -12.04 9.16
C LYS A 116 -3.52 -13.25 9.10
N SER A 117 -2.57 -13.21 8.17
CA SER A 117 -1.59 -14.28 8.03
C SER A 117 -0.32 -14.06 8.86
N ILE A 118 -0.11 -12.82 9.34
CA ILE A 118 1.07 -12.50 10.12
C ILE A 118 0.96 -13.18 11.46
N PRO A 119 1.92 -14.06 11.78
CA PRO A 119 1.83 -14.83 13.03
C PRO A 119 1.62 -13.94 14.25
N GLY A 120 0.52 -14.17 14.95
CA GLY A 120 0.20 -13.45 16.18
C GLY A 120 -0.84 -12.37 16.02
N PHE A 121 -1.04 -11.91 14.79
CA PHE A 121 -1.96 -10.81 14.53
C PHE A 121 -3.41 -11.10 14.94
N VAL A 122 -3.93 -12.26 14.57
CA VAL A 122 -5.33 -12.54 14.86
C VAL A 122 -5.54 -12.93 16.32
N ASN A 123 -4.45 -13.06 17.08
CA ASN A 123 -4.58 -13.34 18.52
C ASN A 123 -4.69 -12.04 19.32
N LEU A 124 -4.50 -10.91 18.65
CA LEU A 124 -4.59 -9.61 19.29
C LEU A 124 -6.05 -9.21 19.49
N ASP A 125 -6.27 -8.33 20.46
CA ASP A 125 -7.59 -7.74 20.67
C ASP A 125 -8.14 -7.27 19.33
N LEU A 126 -9.36 -7.68 19.00
CA LEU A 126 -9.95 -7.32 17.70
C LEU A 126 -9.91 -5.82 17.43
N ASN A 127 -10.12 -5.03 18.49
CA ASN A 127 -10.09 -3.58 18.37
C ASN A 127 -8.70 -3.09 17.94
N ASP A 128 -7.65 -3.73 18.45
CA ASP A 128 -6.30 -3.36 18.03
C ASP A 128 -6.03 -3.79 16.60
N GLN A 129 -6.55 -4.96 16.20
CA GLN A 129 -6.46 -5.39 14.80
C GLN A 129 -7.06 -4.34 13.89
N VAL A 130 -8.20 -3.79 14.30
CA VAL A 130 -8.86 -2.74 13.51
C VAL A 130 -7.98 -1.49 13.44
N THR A 131 -7.46 -1.04 14.58
CA THR A 131 -6.57 0.12 14.61
C THR A 131 -5.35 -0.05 13.70
N LEU A 132 -4.68 -1.19 13.79
CA LEU A 132 -3.50 -1.42 12.99
C LEU A 132 -3.80 -1.35 11.48
N LEU A 133 -4.92 -1.89 11.04
CA LEU A 133 -5.32 -1.80 9.64
C LEU A 133 -5.71 -0.36 9.28
N LYS A 134 -6.48 0.27 10.15
CA LYS A 134 -6.95 1.63 9.91
C LYS A 134 -5.78 2.54 9.55
N TYR A 135 -4.71 2.46 10.35
CA TYR A 135 -3.53 3.31 10.13
C TYR A 135 -2.55 2.71 9.11
N GLY A 136 -2.48 1.39 9.07
CA GLY A 136 -1.49 0.75 8.22
C GLY A 136 -1.84 0.63 6.74
N VAL A 137 -3.12 0.52 6.39
CA VAL A 137 -3.48 0.21 5.00
C VAL A 137 -3.00 1.19 3.92
N HIS A 138 -3.14 2.49 4.14
CA HIS A 138 -2.66 3.42 3.13
C HIS A 138 -1.14 3.47 2.97
N GLU A 139 -0.43 3.28 4.07
CA GLU A 139 1.03 3.21 4.03
C GLU A 139 1.47 2.02 3.19
N ILE A 140 0.76 0.92 3.34
CA ILE A 140 1.05 -0.27 2.55
C ILE A 140 0.69 -0.03 1.09
N ILE A 141 -0.46 0.59 0.85
CA ILE A 141 -0.86 0.92 -0.52
C ILE A 141 0.24 1.67 -1.28
N TYR A 142 0.79 2.71 -0.66
CA TYR A 142 1.85 3.50 -1.30
C TYR A 142 3.12 2.68 -1.50
N THR A 143 3.41 1.79 -0.56
CA THR A 143 4.58 0.93 -0.66
C THR A 143 4.45 0.02 -1.89
N MET A 144 3.26 -0.53 -2.06
CA MET A 144 3.03 -1.47 -3.15
C MET A 144 2.83 -0.76 -4.49
N LEU A 145 2.32 0.46 -4.42
CA LEU A 145 2.20 1.31 -5.60
C LEU A 145 3.56 1.56 -6.24
N ALA A 146 4.60 1.70 -5.41
CA ALA A 146 5.96 1.88 -5.93
C ALA A 146 6.40 0.73 -6.82
N SER A 147 5.98 -0.48 -6.46
CA SER A 147 6.29 -1.66 -7.25
C SER A 147 5.70 -1.53 -8.66
N LEU A 148 4.62 -0.76 -8.77
CA LEU A 148 3.91 -0.58 -10.02
C LEU A 148 4.35 0.66 -10.79
N MET A 149 5.29 1.39 -10.23
CA MET A 149 5.66 2.68 -10.78
C MET A 149 7.06 2.69 -11.34
N ASN A 150 7.25 3.44 -12.43
CA ASN A 150 8.58 3.97 -12.75
C ASN A 150 8.43 5.48 -12.83
N LYS A 151 9.49 6.19 -13.18
CA LYS A 151 9.45 7.65 -13.17
C LYS A 151 8.49 8.22 -14.23
N ASP A 152 8.06 7.39 -15.17
CA ASP A 152 7.19 7.84 -16.26
C ASP A 152 5.69 7.57 -16.09
N GLY A 153 5.33 6.64 -15.22
CA GLY A 153 3.93 6.31 -15.05
C GLY A 153 3.68 5.10 -14.17
N VAL A 154 2.44 4.62 -14.18
CA VAL A 154 2.04 3.55 -13.27
C VAL A 154 1.10 2.52 -13.90
N LEU A 155 1.33 1.26 -13.57
CA LEU A 155 0.50 0.16 -14.04
C LEU A 155 -0.85 0.19 -13.33
N ILE A 156 -1.92 0.05 -14.11
CA ILE A 156 -3.25 0.01 -13.54
C ILE A 156 -3.99 -1.21 -14.08
N SER A 157 -5.10 -1.57 -13.45
CA SER A 157 -5.91 -2.71 -13.90
C SER A 157 -5.11 -3.99 -14.11
N GLU A 158 -4.54 -4.50 -13.03
CA GLU A 158 -3.79 -5.77 -13.06
C GLU A 158 -2.59 -5.71 -14.00
N GLY A 159 -2.11 -4.51 -14.28
CA GLY A 159 -0.98 -4.33 -15.18
C GLY A 159 -1.40 -4.34 -16.64
N GLN A 160 -2.70 -4.25 -16.90
CA GLN A 160 -3.20 -4.24 -18.28
C GLN A 160 -3.14 -2.85 -18.90
N GLY A 161 -2.91 -1.86 -18.05
CA GLY A 161 -2.81 -0.48 -18.49
C GLY A 161 -1.62 0.21 -17.86
N PHE A 162 -1.19 1.30 -18.49
CA PHE A 162 -0.10 2.14 -17.98
C PHE A 162 -0.52 3.60 -18.14
N MET A 163 -0.84 4.25 -17.02
CA MET A 163 -1.21 5.66 -17.00
C MET A 163 0.02 6.57 -16.78
N THR A 164 0.23 7.55 -17.66
CA THR A 164 1.44 8.36 -17.56
C THR A 164 1.43 9.34 -16.40
N ARG A 165 2.62 9.57 -15.85
CA ARG A 165 2.82 10.53 -14.78
C ARG A 165 2.45 11.94 -15.25
N GLU A 166 2.82 12.26 -16.49
CA GLU A 166 2.51 13.55 -17.08
C GLU A 166 1.01 13.81 -17.18
N PHE A 167 0.27 12.80 -17.59
CA PHE A 167 -1.18 12.88 -17.69
C PHE A 167 -1.81 13.15 -16.32
N LEU A 168 -1.39 12.38 -15.33
CA LEU A 168 -1.93 12.53 -13.98
C LEU A 168 -1.66 13.94 -13.46
N LYS A 169 -0.46 14.43 -13.71
CA LYS A 169 -0.07 15.77 -13.26
C LYS A 169 -0.84 16.88 -13.96
N SER A 170 -1.42 16.60 -15.13
CA SER A 170 -2.17 17.60 -15.87
C SER A 170 -3.62 17.72 -15.40
N LEU A 171 -4.04 16.83 -14.51
CA LEU A 171 -5.43 16.87 -14.04
C LEU A 171 -5.72 18.19 -13.32
N ARG A 172 -6.92 18.72 -13.52
CA ARG A 172 -7.24 20.05 -12.98
C ARG A 172 -6.89 20.16 -11.50
N LYS A 173 -6.42 21.33 -11.10
CA LYS A 173 -5.77 21.59 -9.80
C LYS A 173 -5.83 20.50 -8.74
N PRO A 174 -7.00 20.30 -8.11
CA PRO A 174 -7.02 19.38 -6.97
C PRO A 174 -6.47 18.01 -7.34
N PHE A 175 -6.92 17.49 -8.47
CA PHE A 175 -6.67 16.09 -8.83
C PHE A 175 -5.26 15.81 -9.32
N GLY A 176 -4.62 16.79 -9.95
CA GLY A 176 -3.26 16.63 -10.43
C GLY A 176 -2.21 16.57 -9.33
N ASP A 177 -2.60 16.87 -8.09
CA ASP A 177 -1.65 16.88 -6.97
C ASP A 177 -1.63 15.57 -6.19
N PHE A 178 -2.54 14.67 -6.51
CA PHE A 178 -2.71 13.43 -5.75
C PHE A 178 -1.59 12.42 -5.96
N MET A 179 -1.28 12.09 -7.21
CA MET A 179 -0.33 11.02 -7.46
C MET A 179 1.13 11.42 -7.39
N GLU A 180 1.43 12.66 -7.74
CA GLU A 180 2.81 13.11 -7.86
C GLU A 180 3.72 12.81 -6.65
N PRO A 181 3.26 13.14 -5.43
CA PRO A 181 4.04 12.77 -4.22
C PRO A 181 4.37 11.28 -4.12
N LYS A 182 3.49 10.44 -4.65
CA LYS A 182 3.71 8.99 -4.63
C LYS A 182 4.78 8.57 -5.65
N PHE A 183 4.76 9.19 -6.82
CA PHE A 183 5.84 9.02 -7.79
C PHE A 183 7.19 9.41 -7.20
N GLU A 184 7.24 10.55 -6.50
CA GLU A 184 8.50 11.04 -5.96
C GLU A 184 9.04 10.06 -4.92
N PHE A 185 8.15 9.59 -4.05
CA PHE A 185 8.49 8.51 -3.10
C PHE A 185 8.95 7.26 -3.86
N ALA A 186 8.17 6.80 -4.84
CA ALA A 186 8.45 5.55 -5.52
C ALA A 186 9.82 5.54 -6.17
N VAL A 187 10.22 6.66 -6.75
CA VAL A 187 11.49 6.73 -7.45
C VAL A 187 12.65 6.46 -6.49
N LYS A 188 12.58 7.06 -5.30
CA LYS A 188 13.62 6.87 -4.28
C LYS A 188 13.51 5.48 -3.63
N PHE A 189 12.28 5.03 -3.40
CA PHE A 189 12.08 3.73 -2.78
C PHE A 189 12.57 2.61 -3.72
N ASN A 190 12.21 2.73 -4.99
CA ASN A 190 12.60 1.73 -5.98
C ASN A 190 14.12 1.62 -6.15
N ALA A 191 14.84 2.71 -5.84
CA ALA A 191 16.29 2.68 -5.89
C ALA A 191 16.91 1.71 -4.86
N LEU A 192 16.13 1.28 -3.87
CA LEU A 192 16.60 0.30 -2.89
C LEU A 192 16.56 -1.14 -3.46
N GLU A 193 15.89 -1.30 -4.59
CA GLU A 193 15.83 -2.62 -5.26
C GLU A 193 15.37 -3.80 -4.36
N LEU A 194 14.30 -3.59 -3.60
CA LEU A 194 13.79 -4.67 -2.76
C LEU A 194 13.03 -5.63 -3.66
N ASP A 195 12.96 -6.89 -3.27
CA ASP A 195 12.11 -7.82 -4.02
C ASP A 195 10.88 -8.20 -3.20
N ASP A 196 9.99 -9.01 -3.77
CA ASP A 196 8.78 -9.40 -3.06
C ASP A 196 9.08 -10.03 -1.71
N SER A 197 10.18 -10.77 -1.60
CA SER A 197 10.51 -11.38 -0.32
C SER A 197 10.87 -10.34 0.75
N ASP A 198 11.68 -9.36 0.39
CA ASP A 198 11.95 -8.22 1.28
C ASP A 198 10.64 -7.52 1.66
N LEU A 199 9.83 -7.21 0.65
CA LEU A 199 8.62 -6.42 0.84
C LEU A 199 7.59 -7.08 1.74
N ALA A 200 7.51 -8.40 1.67
CA ALA A 200 6.59 -9.13 2.53
C ALA A 200 6.82 -8.79 4.00
N ILE A 201 8.08 -8.81 4.42
CA ILE A 201 8.42 -8.54 5.81
C ILE A 201 8.26 -7.05 6.15
N PHE A 202 8.70 -6.19 5.24
CA PHE A 202 8.56 -4.75 5.42
C PHE A 202 7.11 -4.33 5.67
N ILE A 203 6.20 -4.84 4.84
CA ILE A 203 4.79 -4.54 4.99
C ILE A 203 4.25 -5.06 6.34
N ALA A 204 4.65 -6.26 6.73
CA ALA A 204 4.28 -6.78 8.03
C ALA A 204 4.78 -5.85 9.15
N VAL A 205 6.03 -5.39 9.04
CA VAL A 205 6.59 -4.46 10.02
C VAL A 205 5.73 -3.22 10.19
N ILE A 206 5.31 -2.64 9.07
CA ILE A 206 4.49 -1.43 9.06
C ILE A 206 3.12 -1.68 9.70
N ILE A 207 2.51 -2.81 9.38
CA ILE A 207 1.22 -3.15 10.00
C ILE A 207 1.32 -3.28 11.53
N LEU A 208 2.39 -3.91 12.01
CA LEU A 208 2.54 -4.15 13.44
C LEU A 208 3.23 -2.98 14.14
N SER A 209 2.73 -1.77 13.91
CA SER A 209 3.29 -0.58 14.53
C SER A 209 2.62 -0.30 15.87
N GLY A 210 3.39 -0.34 16.95
CA GLY A 210 2.86 -0.17 18.29
C GLY A 210 2.53 1.26 18.70
N ASP A 211 2.80 2.23 17.83
CA ASP A 211 2.54 3.63 18.20
C ASP A 211 1.31 4.21 17.51
N ARG A 212 0.52 3.35 16.86
CA ARG A 212 -0.75 3.82 16.30
C ARG A 212 -1.61 4.42 17.43
N PRO A 213 -2.25 5.56 17.16
CA PRO A 213 -3.13 6.22 18.12
C PRO A 213 -4.27 5.30 18.53
N GLY A 214 -4.53 5.17 19.83
CA GLY A 214 -5.72 4.48 20.28
C GLY A 214 -5.59 2.99 20.49
N LEU A 215 -4.36 2.48 20.39
CA LEU A 215 -4.11 1.07 20.69
C LEU A 215 -4.40 0.77 22.17
N LEU A 216 -5.03 -0.37 22.43
CA LEU A 216 -5.43 -0.72 23.79
C LEU A 216 -4.30 -1.39 24.53
N ASN A 217 -3.49 -2.17 23.81
CA ASN A 217 -2.49 -3.00 24.44
C ASN A 217 -1.24 -3.11 23.55
N VAL A 218 -0.29 -2.21 23.77
CA VAL A 218 0.85 -2.05 22.88
C VAL A 218 1.88 -3.18 22.98
N LYS A 219 2.11 -3.69 24.18
CA LYS A 219 3.16 -4.69 24.39
C LYS A 219 3.16 -5.90 23.41
N PRO A 220 2.00 -6.57 23.23
CA PRO A 220 1.93 -7.73 22.33
C PRO A 220 2.26 -7.35 20.88
N ILE A 221 1.88 -6.14 20.53
CA ILE A 221 2.09 -5.65 19.17
C ILE A 221 3.58 -5.40 18.94
N GLU A 222 4.20 -4.73 19.90
CA GLU A 222 5.63 -4.46 19.82
C GLU A 222 6.46 -5.74 19.89
N ASP A 223 5.99 -6.76 20.62
CA ASP A 223 6.64 -8.07 20.63
C ASP A 223 6.69 -8.70 19.24
N ILE A 224 5.55 -8.71 18.55
CA ILE A 224 5.51 -9.21 17.18
C ILE A 224 6.40 -8.39 16.26
N GLN A 225 6.28 -7.07 16.30
CA GLN A 225 7.12 -6.22 15.46
C GLN A 225 8.61 -6.46 15.70
N ASP A 226 8.97 -6.79 16.94
CA ASP A 226 10.37 -7.05 17.27
C ASP A 226 10.86 -8.26 16.48
N ASN A 227 10.04 -9.30 16.42
CA ASN A 227 10.35 -10.49 15.65
C ASN A 227 10.44 -10.17 14.16
N LEU A 228 9.47 -9.41 13.66
CA LEU A 228 9.47 -8.99 12.25
C LEU A 228 10.66 -8.14 11.83
N LEU A 229 11.05 -7.21 12.69
CA LEU A 229 12.22 -6.37 12.39
C LEU A 229 13.48 -7.20 12.39
N GLN A 230 13.53 -8.21 13.27
CA GLN A 230 14.66 -9.14 13.31
C GLN A 230 14.71 -9.96 12.02
N ALA A 231 13.55 -10.42 11.57
CA ALA A 231 13.46 -11.19 10.35
C ALA A 231 13.85 -10.33 9.16
N LEU A 232 13.42 -9.08 9.17
CA LEU A 232 13.75 -8.11 8.12
C LEU A 232 15.26 -7.84 8.07
N GLU A 233 15.86 -7.60 9.23
CA GLU A 233 17.28 -7.34 9.30
C GLU A 233 18.10 -8.48 8.67
N LEU A 234 17.77 -9.71 9.06
CA LEU A 234 18.40 -10.90 8.50
C LEU A 234 18.13 -11.06 7.01
N GLN A 235 16.88 -10.87 6.61
CA GLN A 235 16.48 -10.98 5.20
C GLN A 235 17.31 -10.05 4.33
N LEU A 236 17.47 -8.80 4.77
CA LEU A 236 18.17 -7.81 3.99
C LEU A 236 19.67 -8.10 3.92
N LYS A 237 20.23 -8.64 5.00
CA LYS A 237 21.65 -8.99 5.02
C LYS A 237 21.97 -10.14 4.08
N LEU A 238 21.08 -11.14 4.04
CA LEU A 238 21.25 -12.30 3.18
C LEU A 238 20.95 -12.03 1.70
N ASN A 239 19.88 -11.27 1.46
CA ASN A 239 19.38 -11.00 0.12
C ASN A 239 20.07 -9.81 -0.55
N HIS A 240 20.68 -8.94 0.25
CA HIS A 240 21.37 -7.77 -0.29
C HIS A 240 22.73 -7.54 0.36
N PRO A 241 23.67 -8.48 0.18
CA PRO A 241 25.02 -8.32 0.73
C PRO A 241 25.69 -7.03 0.25
N GLU A 242 25.22 -6.48 -0.85
CA GLU A 242 25.84 -5.32 -1.50
C GLU A 242 25.34 -4.00 -0.92
N SER A 243 24.19 -4.03 -0.28
CA SER A 243 23.58 -2.81 0.22
C SER A 243 23.91 -2.65 1.69
N SER A 244 25.04 -2.01 1.96
CA SER A 244 25.37 -1.69 3.32
C SER A 244 24.30 -0.73 3.83
N GLN A 245 23.87 -0.97 5.07
CA GLN A 245 22.92 -0.08 5.75
C GLN A 245 21.54 -0.02 5.10
N LEU A 246 21.21 -1.03 4.29
CA LEU A 246 19.88 -1.11 3.67
C LEU A 246 18.76 -1.11 4.72
N PHE A 247 18.92 -1.89 5.78
CA PHE A 247 17.96 -1.89 6.88
C PHE A 247 17.71 -0.48 7.38
N ALA A 248 18.78 0.24 7.69
CA ALA A 248 18.68 1.64 8.10
C ALA A 248 17.97 2.52 7.07
N LYS A 249 18.29 2.35 5.79
CA LYS A 249 17.64 3.13 4.75
C LYS A 249 16.16 2.82 4.65
N LEU A 250 15.84 1.54 4.73
CA LEU A 250 14.45 1.11 4.62
C LEU A 250 13.61 1.60 5.81
N LEU A 251 14.18 1.53 7.01
CA LEU A 251 13.50 2.06 8.21
C LEU A 251 13.10 3.53 8.08
N GLN A 252 13.96 4.35 7.47
CA GLN A 252 13.63 5.76 7.26
C GLN A 252 12.43 5.97 6.31
N LYS A 253 12.19 5.02 5.41
CA LYS A 253 11.04 5.09 4.50
C LYS A 253 9.71 4.90 5.20
N MET A 254 9.70 4.18 6.32
CA MET A 254 8.47 3.94 7.05
C MET A 254 7.88 5.26 7.47
N THR A 255 8.74 6.19 7.87
CA THR A 255 8.33 7.51 8.26
C THR A 255 7.91 8.37 7.07
N ASP A 256 8.57 8.21 5.93
CA ASP A 256 8.13 8.90 4.71
C ASP A 256 6.68 8.57 4.37
N LEU A 257 6.29 7.32 4.57
CA LEU A 257 4.92 6.88 4.24
C LEU A 257 3.89 7.62 5.08
N ARG A 258 4.21 7.85 6.35
CA ARG A 258 3.31 8.60 7.22
C ARG A 258 3.07 10.02 6.72
N GLN A 259 4.11 10.66 6.18
CA GLN A 259 3.96 12.03 5.71
C GLN A 259 3.10 12.07 4.45
N ILE A 260 3.25 11.06 3.61
CA ILE A 260 2.42 10.93 2.42
C ILE A 260 0.95 10.85 2.82
N VAL A 261 0.63 10.06 3.85
CA VAL A 261 -0.77 9.98 4.31
C VAL A 261 -1.27 11.36 4.76
N THR A 262 -0.47 12.04 5.57
CA THR A 262 -0.83 13.39 6.03
C THR A 262 -1.18 14.30 4.85
N GLU A 263 -0.34 14.33 3.82
CA GLU A 263 -0.57 15.19 2.67
C GLU A 263 -1.80 14.75 1.89
N HIS A 264 -1.94 13.44 1.74
CA HIS A 264 -3.07 12.90 1.01
C HIS A 264 -4.38 13.31 1.71
N VAL A 265 -4.44 13.10 3.02
CA VAL A 265 -5.61 13.49 3.80
C VAL A 265 -5.97 14.97 3.61
N GLN A 266 -4.96 15.85 3.63
CA GLN A 266 -5.21 17.27 3.42
C GLN A 266 -5.86 17.54 2.06
N LEU A 267 -5.42 16.80 1.05
CA LEU A 267 -5.98 16.91 -0.29
C LEU A 267 -7.41 16.34 -0.37
N LEU A 268 -7.67 15.24 0.32
CA LEU A 268 -9.01 14.70 0.42
C LEU A 268 -9.95 15.73 1.06
N GLN A 269 -9.39 16.53 1.95
CA GLN A 269 -10.15 17.55 2.67
C GLN A 269 -10.66 18.60 1.70
N VAL A 270 -9.80 19.01 0.77
CA VAL A 270 -10.15 20.00 -0.26
C VAL A 270 -11.22 19.46 -1.20
N ILE A 271 -11.11 18.18 -1.54
CA ILE A 271 -12.11 17.53 -2.39
C ILE A 271 -13.44 17.53 -1.67
N LYS A 272 -13.41 17.20 -0.39
CA LYS A 272 -14.61 17.22 0.45
C LYS A 272 -15.25 18.60 0.52
N LYS A 273 -14.42 19.63 0.75
CA LYS A 273 -14.91 20.98 1.01
C LYS A 273 -15.38 21.73 -0.24
N THR A 274 -14.82 21.41 -1.40
CA THR A 274 -15.11 22.18 -2.61
C THR A 274 -15.22 21.34 -3.88
N GLU A 275 -16.11 20.35 -3.88
CA GLU A 275 -16.32 19.54 -5.07
C GLU A 275 -17.76 19.09 -5.25
N THR A 276 -18.12 18.80 -6.50
CA THR A 276 -19.47 18.43 -6.87
C THR A 276 -19.90 17.08 -6.30
N ASP A 277 -20.13 16.12 -7.19
CA ASP A 277 -20.60 14.80 -6.79
C ASP A 277 -19.47 13.92 -6.26
N MET A 278 -18.77 14.41 -5.26
CA MET A 278 -17.64 13.69 -4.70
C MET A 278 -18.00 12.96 -3.40
N SER A 279 -18.01 11.64 -3.46
CA SER A 279 -18.26 10.82 -2.28
C SER A 279 -17.35 9.61 -2.27
N LEU A 280 -16.76 9.34 -1.10
CA LEU A 280 -15.88 8.19 -0.94
C LEU A 280 -16.65 6.91 -0.68
N HIS A 281 -16.06 5.80 -1.08
CA HIS A 281 -16.56 4.47 -0.76
C HIS A 281 -16.62 4.29 0.76
N PRO A 282 -17.67 3.64 1.26
CA PRO A 282 -17.90 3.47 2.70
C PRO A 282 -16.72 2.87 3.47
N LEU A 283 -15.92 2.03 2.83
CA LEU A 283 -14.77 1.45 3.51
C LEU A 283 -13.69 2.51 3.70
N LEU A 284 -13.52 3.34 2.67
CA LEU A 284 -12.58 4.44 2.76
C LEU A 284 -13.06 5.44 3.79
N GLN A 285 -14.35 5.70 3.79
CA GLN A 285 -14.94 6.62 4.76
C GLN A 285 -14.67 6.20 6.20
N GLU A 286 -14.78 4.91 6.49
CA GLU A 286 -14.58 4.47 7.88
C GLU A 286 -13.09 4.49 8.24
N ILE A 287 -12.25 4.19 7.27
CA ILE A 287 -10.81 4.29 7.46
C ILE A 287 -10.39 5.74 7.78
N TYR A 288 -10.86 6.72 7.01
CA TYR A 288 -10.45 8.11 7.23
C TYR A 288 -11.14 8.81 8.41
N LYS A 289 -12.30 8.30 8.82
CA LYS A 289 -13.04 8.91 9.92
C LYS A 289 -12.24 8.83 11.23
N ASP A 290 -11.96 9.99 11.82
CA ASP A 290 -11.22 10.05 13.09
C ASP A 290 -9.82 9.43 12.99
N LEU A 291 -9.24 9.49 11.78
CA LEU A 291 -7.85 9.10 11.52
C LEU A 291 -7.00 10.24 12.05
N TYR A 292 -6.22 9.99 13.11
CA TYR A 292 -5.42 11.06 13.72
C TYR A 292 -6.33 12.18 14.22
N HIS B 1 -19.78 4.89 24.81
CA HIS B 1 -18.55 4.10 24.79
C HIS B 1 -18.52 3.15 23.60
N SER B 2 -18.12 3.67 22.45
CA SER B 2 -18.10 2.87 21.22
C SER B 2 -16.70 2.37 20.87
N SER B 3 -16.54 1.05 20.81
CA SER B 3 -15.26 0.43 20.52
C SER B 3 -14.82 0.62 19.06
N LEU B 4 -13.56 0.27 18.78
CA LEU B 4 -13.06 0.31 17.40
C LEU B 4 -13.94 -0.55 16.47
N THR B 5 -14.24 -1.77 16.89
CA THR B 5 -15.06 -2.66 16.06
C THR B 5 -16.43 -2.04 15.76
N GLU B 6 -17.02 -1.40 16.78
CA GLU B 6 -18.29 -0.71 16.62
C GLU B 6 -18.27 0.41 15.57
N ARG B 7 -17.19 1.19 15.50
CA ARG B 7 -17.15 2.27 14.50
C ARG B 7 -16.42 1.93 13.20
N HIS B 8 -16.08 0.65 13.01
CA HIS B 8 -15.47 0.22 11.76
C HIS B 8 -16.10 -1.09 11.31
N LYS B 9 -17.37 -1.02 10.93
CA LYS B 9 -18.15 -2.21 10.63
C LYS B 9 -17.56 -3.04 9.50
N ILE B 10 -17.14 -2.37 8.43
CA ILE B 10 -16.61 -3.10 7.28
C ILE B 10 -15.30 -3.81 7.60
N LEU B 11 -14.38 -3.10 8.26
CA LEU B 11 -13.10 -3.68 8.67
C LEU B 11 -13.30 -4.86 9.60
N HIS B 12 -14.15 -4.68 10.61
CA HIS B 12 -14.53 -5.77 11.51
C HIS B 12 -15.02 -6.97 10.72
N ARG B 13 -15.87 -6.71 9.73
CA ARG B 13 -16.42 -7.77 8.91
C ARG B 13 -15.32 -8.45 8.09
N LEU B 14 -14.44 -7.65 7.50
CA LEU B 14 -13.29 -8.16 6.76
C LEU B 14 -12.40 -9.03 7.63
N LEU B 15 -12.25 -8.64 8.90
CA LEU B 15 -11.41 -9.39 9.82
C LEU B 15 -12.00 -10.75 10.22
N GLN B 16 -13.32 -10.86 10.09
CA GLN B 16 -14.02 -12.11 10.42
C GLN B 16 -14.03 -13.10 9.25
C13 ET1 C . -8.94 7.12 -2.74
C17 ET1 C . -4.15 4.21 -5.04
C20 ET1 C . -3.40 4.50 -7.70
C21 ET1 C . -3.30 5.54 -6.79
N01 ET1 C . -4.91 7.55 -4.58
C02 ET1 C . -6.11 7.39 -3.80
C03 ET1 C . -7.15 8.16 -4.27
C04 ET1 C . -6.67 8.90 -5.45
C05 ET1 C . -5.32 8.50 -5.63
C06 ET1 C . -6.54 10.36 -7.42
C07 ET1 C . -5.21 9.97 -7.58
C08 ET1 C . -4.61 9.05 -6.71
C09 ET1 C . -7.26 9.83 -6.34
O10 ET1 C . -7.16 11.27 -8.26
C11 ET1 C . -6.65 11.43 -9.57
C12 ET1 C . -8.53 8.27 -3.68
C14 ET1 C . -8.14 7.03 -1.43
S15 ET1 C . -3.54 6.76 -4.36
C16 ET1 C . -3.64 5.48 -5.41
C18 ET1 C . -4.28 3.13 -5.92
C19 ET1 C . -3.90 3.26 -7.28
O22 ET1 C . -3.51 6.30 -3.01
O23 ET1 C . -2.48 7.62 -4.73
O24 ET1 C . -7.90 8.00 -0.73
O25 ET1 C . -7.67 5.82 -1.01
O26 ET1 C . -3.99 2.24 -8.20
C27 ET1 C . -3.77 2.59 -9.55
#